data_1LPK
#
_entry.id   1LPK
#
_cell.length_a   56.702
_cell.length_b   72.196
_cell.length_c   78.612
_cell.angle_alpha   90.00
_cell.angle_beta   90.00
_cell.angle_gamma   90.00
#
_symmetry.space_group_name_H-M   'P 21 21 21'
#
loop_
_entity.id
_entity.type
_entity.pdbx_description
1 polymer 'Blood coagulation factor Xa'
2 polymer 'Blood coagulation factor Xa'
3 non-polymer 'CALCIUM ION'
4 non-polymer '1-(3-CARBAMIMIDOYL-BENZYL)-1H-INDOLE-2-CARBOXYLIC ACID 3-CARBAMIMIDOYL-BENZYLESTER'
5 water water
#
loop_
_entity_poly.entity_id
_entity_poly.type
_entity_poly.pdbx_seq_one_letter_code
_entity_poly.pdbx_strand_id
1 'polypeptide(L)'
;EEMKKGHLERECMEETCSYEEAREVFEDSDKTNEFWNKYKDGDQCETSPCQNQGKCKDGLGEYTCTCLEGFEGKNCELFT
RKLCSLDNGDCDQFCHEEQNSVVCSCARGYTLADNGKACIPTGPYPCGKQTLER
;
A
2 'polypeptide(L)'
;IVGGQECKDGECPWQALLINEENEGFCGGTILSEFYILTAAHCLYQAKRFKVRVGDRNTEQEEGGEAVHEVEVVIKHNRF
TKETYDFDIAVLRLKTPITFRMNVAPACLPERDWAESTLMTQKTGIVSGFGRTHEKGRQSTRLKMLEVPYVDRNSCKLSS
SFIITQNMFCAGYDTKQEDACQGDSGGPHVTRFKDTYFVTGIVSWGEGCARKGKYGIYTKVTAFLKWIDRSMKTRGLPKA
KSHAPEVITSSPLK
;
B
#
# COMPACT_ATOMS: atom_id res chain seq x y z
N ARG A 81 2.11 6.85 29.19
CA ARG A 81 3.15 6.98 28.12
C ARG A 81 4.56 6.88 28.70
N LYS A 82 5.21 5.75 28.46
CA LYS A 82 6.54 5.53 28.98
C LYS A 82 7.66 5.59 27.94
N LEU A 83 8.12 4.44 27.49
CA LEU A 83 9.21 4.36 26.52
C LEU A 83 8.70 4.59 25.09
N CYS A 84 8.58 3.52 24.32
CA CYS A 84 8.10 3.65 22.94
C CYS A 84 6.73 4.31 22.83
N SER A 85 5.99 4.36 23.92
CA SER A 85 4.66 4.98 23.90
C SER A 85 4.76 6.49 23.98
N LEU A 86 5.90 6.98 24.43
CA LEU A 86 6.11 8.39 24.53
C LEU A 86 6.86 8.83 23.28
N ASP A 87 6.14 9.46 22.35
CA ASP A 87 6.74 9.95 21.10
C ASP A 87 7.60 8.90 20.40
N ASN A 88 7.11 7.67 20.35
CA ASN A 88 7.84 6.60 19.67
C ASN A 88 9.27 6.47 20.18
N GLY A 89 9.49 6.85 21.44
CA GLY A 89 10.82 6.76 22.02
C GLY A 89 11.87 7.62 21.35
N ASP A 90 11.43 8.66 20.65
CA ASP A 90 12.32 9.58 19.93
C ASP A 90 12.94 8.91 18.70
N CYS A 91 12.51 7.68 18.40
CA CYS A 91 13.03 6.97 17.25
C CYS A 91 12.50 7.54 15.94
N ASP A 92 13.26 7.36 14.88
CA ASP A 92 12.83 7.85 13.57
C ASP A 92 11.80 6.87 13.03
N GLN A 93 12.10 5.58 13.14
CA GLN A 93 11.22 4.55 12.63
C GLN A 93 10.80 3.52 13.69
N PHE A 94 11.30 2.29 13.56
CA PHE A 94 10.94 1.22 14.48
C PHE A 94 11.40 1.47 15.91
N CYS A 95 10.51 1.22 16.87
CA CYS A 95 10.84 1.39 18.29
C CYS A 95 10.51 0.11 19.03
N HIS A 96 11.42 -0.29 19.92
CA HIS A 96 11.24 -1.48 20.75
C HIS A 96 11.82 -1.25 22.13
N GLU A 97 11.11 -1.74 23.14
CA GLU A 97 11.56 -1.63 24.52
C GLU A 97 12.21 -2.95 24.85
N GLU A 98 13.48 -3.07 24.53
CA GLU A 98 14.19 -4.30 24.79
C GLU A 98 14.63 -4.43 26.24
N GLN A 99 13.87 -5.20 27.01
CA GLN A 99 14.17 -5.41 28.41
C GLN A 99 14.20 -4.05 29.09
N ASN A 100 13.10 -3.32 28.90
CA ASN A 100 12.95 -1.97 29.41
C ASN A 100 13.90 -1.08 28.63
N SER A 101 13.55 0.20 28.48
CA SER A 101 14.36 1.13 27.70
C SER A 101 14.07 0.97 26.19
N VAL A 102 14.31 2.05 25.45
CA VAL A 102 14.06 2.09 24.02
C VAL A 102 15.24 1.62 23.16
N VAL A 103 14.92 0.97 22.04
CA VAL A 103 15.91 0.47 21.09
C VAL A 103 15.31 0.77 19.71
N CYS A 104 15.92 1.69 18.98
CA CYS A 104 15.42 2.04 17.66
C CYS A 104 16.14 1.25 16.60
N SER A 105 15.47 1.09 15.45
CA SER A 105 16.03 0.39 14.28
C SER A 105 15.41 1.03 13.03
N CYS A 106 15.81 0.58 11.85
CA CYS A 106 15.27 1.17 10.63
C CYS A 106 14.89 0.14 9.56
N ALA A 107 14.11 0.58 8.57
CA ALA A 107 13.70 -0.30 7.48
C ALA A 107 14.89 -0.57 6.57
N ARG A 108 14.76 -1.59 5.72
CA ARG A 108 15.81 -1.96 4.78
C ARG A 108 16.17 -0.74 3.95
N GLY A 109 17.46 -0.49 3.80
CA GLY A 109 17.91 0.64 3.01
C GLY A 109 18.20 1.87 3.84
N TYR A 110 18.08 1.73 5.16
CA TYR A 110 18.33 2.82 6.08
C TYR A 110 19.32 2.26 7.10
N THR A 111 20.17 3.12 7.64
CA THR A 111 21.13 2.68 8.63
C THR A 111 20.92 3.59 9.83
N LEU A 112 20.74 2.99 11.01
CA LEU A 112 20.52 3.74 12.24
C LEU A 112 21.69 4.72 12.45
N ALA A 113 21.38 5.97 12.78
CA ALA A 113 22.41 7.00 12.99
C ALA A 113 23.23 6.77 14.25
N ASP A 114 24.18 7.67 14.47
CA ASP A 114 25.08 7.64 15.62
C ASP A 114 24.32 7.73 16.93
N ASN A 115 23.36 8.65 16.98
CA ASN A 115 22.55 8.85 18.18
C ASN A 115 21.71 7.61 18.53
N GLY A 116 21.68 6.64 17.62
CA GLY A 116 20.91 5.43 17.85
C GLY A 116 19.42 5.72 17.80
N LYS A 117 19.02 6.72 17.02
CA LYS A 117 17.62 7.08 16.91
C LYS A 117 17.25 7.36 15.46
N ALA A 118 17.97 8.31 14.86
CA ALA A 118 17.74 8.71 13.48
C ALA A 118 18.07 7.59 12.52
N CYS A 119 17.43 7.61 11.34
CA CYS A 119 17.63 6.60 10.32
C CYS A 119 18.17 7.30 9.09
N ILE A 120 19.28 6.81 8.56
CA ILE A 120 19.93 7.41 7.40
C ILE A 120 19.77 6.59 6.11
N PRO A 121 19.34 7.25 5.03
CA PRO A 121 19.16 6.53 3.75
C PRO A 121 20.49 5.98 3.25
N THR A 122 20.46 4.81 2.65
CA THR A 122 21.67 4.16 2.15
C THR A 122 21.91 4.47 0.66
N GLY A 123 20.97 5.12 0.00
CA GLY A 123 21.15 5.41 -1.40
C GLY A 123 20.26 6.54 -1.90
N PRO A 124 20.19 6.72 -3.23
CA PRO A 124 19.40 7.75 -3.95
C PRO A 124 17.88 7.69 -3.76
N TYR A 125 17.32 6.49 -3.68
CA TYR A 125 15.88 6.33 -3.54
C TYR A 125 15.44 5.42 -2.40
N PRO A 126 15.63 5.86 -1.16
CA PRO A 126 15.23 5.05 0.00
C PRO A 126 13.71 4.85 -0.01
N CYS A 127 13.26 3.72 0.52
CA CYS A 127 11.83 3.42 0.58
C CYS A 127 11.05 4.46 1.37
N GLY A 128 9.79 4.66 0.98
CA GLY A 128 8.94 5.58 1.71
C GLY A 128 9.20 7.05 1.59
N LYS A 129 10.02 7.46 0.63
CA LYS A 129 10.32 8.87 0.42
C LYS A 129 9.70 9.32 -0.90
N GLN A 130 8.90 10.38 -0.84
CA GLN A 130 8.30 10.93 -2.05
C GLN A 130 9.45 11.51 -2.87
N THR A 131 9.46 11.18 -4.17
CA THR A 131 10.54 11.65 -5.03
C THR A 131 10.54 13.13 -5.33
N LEU A 132 11.51 13.81 -4.72
CA LEU A 132 11.72 15.24 -4.90
C LEU A 132 12.46 15.40 -6.21
N GLU A 133 13.26 14.38 -6.54
CA GLU A 133 14.04 14.35 -7.77
C GLU A 133 14.36 12.91 -8.21
N ILE B 1 -10.59 6.04 -7.46
CA ILE B 1 -10.71 6.82 -6.20
C ILE B 1 -11.83 7.84 -6.30
N VAL B 2 -12.76 7.80 -5.36
CA VAL B 2 -13.88 8.73 -5.33
C VAL B 2 -13.45 9.88 -4.41
N GLY B 3 -13.45 11.10 -4.95
CA GLY B 3 -13.01 12.24 -4.17
C GLY B 3 -11.49 12.26 -4.16
N GLY B 4 -10.89 12.67 -3.06
CA GLY B 4 -9.44 12.68 -2.99
C GLY B 4 -8.82 13.70 -3.92
N GLN B 5 -7.55 13.51 -4.23
CA GLN B 5 -6.85 14.45 -5.08
C GLN B 5 -5.91 13.74 -6.05
N GLU B 6 -5.53 14.45 -7.09
CA GLU B 6 -4.61 13.93 -8.07
C GLU B 6 -3.26 13.78 -7.37
N CYS B 7 -2.51 12.75 -7.72
CA CYS B 7 -1.17 12.57 -7.15
C CYS B 7 -0.30 13.51 -7.98
N LYS B 8 0.30 14.50 -7.35
CA LYS B 8 1.17 15.40 -8.08
C LYS B 8 2.50 14.70 -8.26
N ASP B 9 3.37 15.30 -9.06
CA ASP B 9 4.70 14.74 -9.36
C ASP B 9 5.46 14.31 -8.11
N GLY B 10 5.88 13.05 -8.09
CA GLY B 10 6.65 12.53 -6.97
C GLY B 10 5.91 12.19 -5.69
N GLU B 11 4.60 12.44 -5.64
CA GLU B 11 3.83 12.16 -4.43
C GLU B 11 3.49 10.69 -4.15
N CYS B 12 3.27 9.91 -5.21
CA CYS B 12 2.89 8.50 -5.04
C CYS B 12 3.78 7.63 -5.92
N PRO B 13 5.10 7.68 -5.67
CA PRO B 13 6.09 6.91 -6.45
C PRO B 13 6.04 5.39 -6.36
N TRP B 14 5.44 4.89 -5.28
CA TRP B 14 5.34 3.45 -5.02
C TRP B 14 4.17 2.79 -5.74
N GLN B 15 3.35 3.58 -6.40
CA GLN B 15 2.22 3.04 -7.11
C GLN B 15 2.62 2.30 -8.39
N ALA B 16 2.05 1.11 -8.57
CA ALA B 16 2.31 0.27 -9.73
C ALA B 16 0.92 0.04 -10.32
N LEU B 17 0.86 -0.32 -11.60
CA LEU B 17 -0.42 -0.56 -12.24
C LEU B 17 -0.35 -1.83 -13.05
N LEU B 18 -1.33 -2.71 -12.89
CA LEU B 18 -1.34 -3.95 -13.67
C LEU B 18 -2.16 -3.67 -14.91
N ILE B 19 -1.58 -3.96 -16.08
CA ILE B 19 -2.24 -3.75 -17.36
C ILE B 19 -2.43 -5.07 -18.07
N ASN B 20 -3.56 -5.22 -18.74
CA ASN B 20 -3.84 -6.47 -19.44
C ASN B 20 -3.24 -6.49 -20.84
N GLU B 21 -3.57 -7.55 -21.57
CA GLU B 21 -3.10 -7.75 -22.95
C GLU B 21 -3.22 -6.51 -23.83
N GLU B 22 -4.34 -5.79 -23.68
CA GLU B 22 -4.56 -4.60 -24.47
C GLU B 22 -4.09 -3.36 -23.74
N ASN B 23 -3.09 -3.54 -22.88
CA ASN B 23 -2.49 -2.47 -22.10
C ASN B 23 -3.45 -1.60 -21.30
N GLU B 24 -4.47 -2.22 -20.72
CA GLU B 24 -5.44 -1.51 -19.92
C GLU B 24 -5.12 -1.78 -18.47
N GLY B 25 -5.14 -0.76 -17.64
CA GLY B 25 -4.89 -0.97 -16.23
C GLY B 25 -6.15 -1.51 -15.57
N PHE B 26 -6.04 -2.61 -14.84
CA PHE B 26 -7.22 -3.20 -14.17
C PHE B 26 -7.09 -3.35 -12.65
N CYS B 27 -5.89 -3.11 -12.14
CA CYS B 27 -5.64 -3.26 -10.71
C CYS B 27 -4.36 -2.50 -10.41
N GLY B 28 -4.16 -2.18 -9.13
CA GLY B 28 -2.98 -1.46 -8.72
C GLY B 28 -2.02 -2.40 -8.01
N GLY B 29 -0.94 -1.83 -7.50
CA GLY B 29 0.05 -2.59 -6.80
C GLY B 29 0.96 -1.61 -6.11
N THR B 30 1.87 -2.11 -5.28
CA THR B 30 2.82 -1.27 -4.59
C THR B 30 4.23 -1.78 -4.87
N ILE B 31 5.15 -0.85 -5.11
CA ILE B 31 6.54 -1.21 -5.35
C ILE B 31 7.13 -1.48 -3.98
N LEU B 32 7.62 -2.70 -3.77
CA LEU B 32 8.26 -3.11 -2.52
C LEU B 32 9.78 -3.04 -2.63
N SER B 33 10.28 -3.38 -3.81
CA SER B 33 11.72 -3.36 -4.09
C SER B 33 11.89 -3.33 -5.61
N GLU B 34 13.13 -3.44 -6.09
CA GLU B 34 13.36 -3.41 -7.53
C GLU B 34 12.79 -4.59 -8.27
N PHE B 35 12.56 -5.68 -7.56
CA PHE B 35 12.02 -6.90 -8.18
C PHE B 35 10.63 -7.29 -7.74
N TYR B 36 10.14 -6.66 -6.68
CA TYR B 36 8.83 -7.04 -6.11
C TYR B 36 7.68 -6.07 -6.09
N ILE B 37 6.51 -6.61 -6.39
CA ILE B 37 5.29 -5.82 -6.42
C ILE B 37 4.26 -6.48 -5.50
N LEU B 38 3.68 -5.70 -4.60
CA LEU B 38 2.68 -6.24 -3.70
C LEU B 38 1.32 -5.92 -4.33
N THR B 39 0.45 -6.91 -4.43
CA THR B 39 -0.89 -6.71 -4.99
C THR B 39 -1.93 -7.62 -4.32
N ALA B 40 -3.15 -7.57 -4.82
CA ALA B 40 -4.23 -8.40 -4.28
C ALA B 40 -4.35 -9.70 -5.06
N ALA B 41 -4.56 -10.81 -4.35
CA ALA B 41 -4.71 -12.11 -5.00
C ALA B 41 -5.93 -12.17 -5.92
N HIS B 42 -6.96 -11.38 -5.61
CA HIS B 42 -8.18 -11.38 -6.42
C HIS B 42 -7.98 -10.77 -7.81
N CYS B 43 -6.96 -9.93 -7.91
CA CYS B 43 -6.62 -9.26 -9.16
C CYS B 43 -6.07 -10.24 -10.19
N LEU B 44 -5.40 -11.28 -9.71
CA LEU B 44 -4.81 -12.26 -10.58
C LEU B 44 -5.85 -12.94 -11.46
N TYR B 45 -7.10 -12.84 -11.04
CA TYR B 45 -8.19 -13.46 -11.77
C TYR B 45 -8.80 -12.58 -12.86
N GLN B 46 -8.57 -11.27 -12.82
CA GLN B 46 -9.16 -10.38 -13.81
C GLN B 46 -8.45 -10.30 -15.16
N ALA B 47 -7.31 -10.97 -15.28
CA ALA B 47 -6.56 -10.96 -16.53
C ALA B 47 -5.70 -12.21 -16.62
N LYS B 48 -5.90 -12.97 -17.71
CA LYS B 48 -5.15 -14.20 -17.94
C LYS B 48 -3.67 -13.88 -18.14
N ARG B 49 -3.42 -12.70 -18.68
CA ARG B 49 -2.06 -12.26 -18.92
C ARG B 49 -2.02 -10.78 -18.64
N PHE B 50 -1.00 -10.35 -17.89
CA PHE B 50 -0.84 -8.94 -17.55
C PHE B 50 0.61 -8.57 -17.27
N LYS B 51 0.89 -7.27 -17.30
CA LYS B 51 2.21 -6.74 -17.02
C LYS B 51 2.09 -5.65 -15.97
N VAL B 52 3.24 -5.09 -15.57
CA VAL B 52 3.27 -4.06 -14.56
C VAL B 52 3.94 -2.79 -15.06
N ARG B 53 3.21 -1.68 -15.03
CA ARG B 53 3.75 -0.41 -15.45
C ARG B 53 4.04 0.40 -14.19
N VAL B 54 5.18 1.09 -14.20
CA VAL B 54 5.56 1.92 -13.08
C VAL B 54 5.91 3.30 -13.62
N GLY B 55 5.82 4.31 -12.75
CA GLY B 55 6.13 5.67 -13.12
C GLY B 55 5.05 6.42 -13.86
N ASP B 56 3.87 5.84 -13.94
CA ASP B 56 2.75 6.47 -14.62
C ASP B 56 1.83 7.30 -13.73
N ARG B 57 1.36 8.42 -14.25
CA ARG B 57 0.43 9.30 -13.55
C ARG B 57 -0.74 9.66 -14.47
N ASN B 58 -0.53 9.54 -15.77
CA ASN B 58 -1.55 9.84 -16.78
C ASN B 58 -1.45 8.76 -17.85
N THR B 59 -2.42 7.86 -17.87
CA THR B 59 -2.44 6.76 -18.82
C THR B 59 -2.36 7.13 -20.29
N GLU B 60 -3.10 8.14 -20.69
CA GLU B 60 -3.12 8.57 -22.09
C GLU B 60 -1.98 9.50 -22.46
N GLN B 61 -0.91 9.48 -21.67
CA GLN B 61 0.23 10.36 -21.92
C GLN B 61 1.55 9.62 -21.68
N GLU B 62 2.65 10.27 -22.03
CA GLU B 62 3.98 9.70 -21.86
C GLU B 62 4.90 10.65 -21.09
N GLU B 63 4.84 10.60 -19.77
CA GLU B 63 5.69 11.45 -18.94
C GLU B 63 7.15 10.96 -19.00
N GLY B 64 7.42 10.02 -19.92
CA GLY B 64 8.76 9.48 -20.11
C GLY B 64 9.32 8.62 -18.99
N GLY B 65 8.81 8.81 -17.77
CA GLY B 65 9.29 8.04 -16.64
C GLY B 65 8.63 6.68 -16.47
N GLU B 66 7.62 6.38 -17.30
CA GLU B 66 6.92 5.10 -17.21
C GLU B 66 7.81 3.96 -17.68
N ALA B 67 7.54 2.76 -17.17
CA ALA B 67 8.29 1.58 -17.53
C ALA B 67 7.43 0.32 -17.35
N VAL B 68 7.46 -0.54 -18.35
CA VAL B 68 6.71 -1.78 -18.34
C VAL B 68 7.65 -2.91 -17.96
N HIS B 69 7.20 -3.74 -17.03
CA HIS B 69 7.96 -4.89 -16.56
C HIS B 69 7.07 -6.12 -16.64
N GLU B 70 7.59 -7.19 -17.22
CA GLU B 70 6.83 -8.42 -17.31
C GLU B 70 7.02 -9.16 -16.00
N VAL B 71 6.01 -9.91 -15.59
CA VAL B 71 6.08 -10.66 -14.34
C VAL B 71 6.78 -12.00 -14.55
N GLU B 72 7.77 -12.30 -13.72
CA GLU B 72 8.47 -13.57 -13.84
C GLU B 72 7.76 -14.60 -12.95
N VAL B 73 7.51 -14.25 -11.69
CA VAL B 73 6.86 -15.18 -10.79
C VAL B 73 5.65 -14.58 -10.09
N VAL B 74 4.57 -15.34 -10.05
CA VAL B 74 3.35 -14.88 -9.39
C VAL B 74 3.18 -15.69 -8.10
N ILE B 75 3.19 -15.01 -6.97
CA ILE B 75 3.06 -15.70 -5.69
C ILE B 75 1.79 -15.26 -4.97
N LYS B 76 0.72 -16.02 -5.15
CA LYS B 76 -0.55 -15.70 -4.54
C LYS B 76 -0.69 -16.50 -3.26
N HIS B 77 -1.27 -15.89 -2.23
CA HIS B 77 -1.46 -16.60 -0.98
C HIS B 77 -2.28 -17.88 -1.17
N ASN B 78 -1.72 -18.99 -0.70
CA ASN B 78 -2.38 -20.29 -0.82
C ASN B 78 -3.78 -20.36 -0.20
N ARG B 79 -3.99 -19.62 0.87
CA ARG B 79 -5.29 -19.61 1.52
C ARG B 79 -6.23 -18.51 1.02
N PHE B 80 -5.95 -17.92 -0.13
CA PHE B 80 -6.85 -16.88 -0.62
C PHE B 80 -8.16 -17.52 -1.01
N THR B 81 -9.27 -16.87 -0.68
CA THR B 81 -10.56 -17.41 -1.04
C THR B 81 -11.46 -16.36 -1.69
N LYS B 82 -11.89 -16.65 -2.92
CA LYS B 82 -12.76 -15.77 -3.68
C LYS B 82 -14.10 -15.62 -3.00
N GLU B 83 -14.40 -16.55 -2.11
CA GLU B 83 -15.66 -16.53 -1.39
C GLU B 83 -15.80 -15.35 -0.44
N THR B 84 -14.83 -15.21 0.46
CA THR B 84 -14.82 -14.16 1.46
C THR B 84 -13.84 -13.03 1.15
N TYR B 85 -12.93 -13.31 0.21
CA TYR B 85 -11.88 -12.36 -0.16
C TYR B 85 -10.84 -12.32 0.95
N ASP B 86 -10.84 -13.36 1.77
CA ASP B 86 -9.89 -13.49 2.87
C ASP B 86 -8.54 -13.85 2.28
N PHE B 87 -7.46 -13.42 2.92
CA PHE B 87 -6.10 -13.67 2.41
C PHE B 87 -5.97 -13.04 1.03
N ASP B 88 -6.53 -11.85 0.84
CA ASP B 88 -6.46 -11.21 -0.46
C ASP B 88 -5.09 -10.54 -0.65
N ILE B 89 -4.09 -11.36 -0.97
CA ILE B 89 -2.74 -10.87 -1.14
C ILE B 89 -1.91 -11.71 -2.10
N ALA B 90 -1.07 -11.03 -2.87
CA ALA B 90 -0.18 -11.66 -3.84
C ALA B 90 1.07 -10.82 -4.00
N VAL B 91 2.19 -11.48 -4.24
CA VAL B 91 3.47 -10.81 -4.47
C VAL B 91 3.93 -11.23 -5.86
N LEU B 92 4.42 -10.26 -6.64
CA LEU B 92 4.90 -10.51 -7.99
C LEU B 92 6.41 -10.28 -8.10
N ARG B 93 7.14 -11.25 -8.64
CA ARG B 93 8.58 -11.07 -8.86
C ARG B 93 8.72 -10.66 -10.33
N LEU B 94 9.44 -9.59 -10.59
CA LEU B 94 9.60 -9.12 -11.96
C LEU B 94 10.82 -9.74 -12.67
N LYS B 95 10.77 -9.79 -13.99
CA LYS B 95 11.84 -10.34 -14.81
C LYS B 95 13.08 -9.44 -14.80
N THR B 96 12.85 -8.14 -14.86
CA THR B 96 13.95 -7.17 -14.87
C THR B 96 13.76 -6.22 -13.69
N PRO B 97 14.85 -5.75 -13.08
CA PRO B 97 14.71 -4.83 -11.94
C PRO B 97 14.18 -3.47 -12.33
N ILE B 98 13.48 -2.85 -11.38
CA ILE B 98 12.92 -1.53 -11.56
C ILE B 98 14.00 -0.50 -11.30
N THR B 99 14.06 0.51 -12.15
CA THR B 99 15.03 1.56 -11.99
C THR B 99 14.29 2.67 -11.29
N PHE B 100 14.74 3.03 -10.09
CA PHE B 100 14.11 4.06 -9.29
C PHE B 100 14.46 5.44 -9.83
N ARG B 101 13.49 6.33 -9.78
CA ARG B 101 13.64 7.68 -10.27
C ARG B 101 12.40 8.44 -9.81
N MET B 102 12.25 9.67 -10.30
CA MET B 102 11.07 10.45 -9.95
C MET B 102 9.86 9.63 -10.37
N ASN B 103 8.91 9.50 -9.45
CA ASN B 103 7.68 8.73 -9.67
C ASN B 103 7.88 7.22 -9.63
N VAL B 104 9.08 6.78 -9.28
CA VAL B 104 9.34 5.36 -9.19
C VAL B 104 10.26 5.11 -7.99
N ALA B 105 9.66 4.70 -6.87
CA ALA B 105 10.40 4.44 -5.64
C ALA B 105 9.56 3.46 -4.82
N PRO B 106 10.20 2.57 -4.06
CA PRO B 106 9.50 1.57 -3.24
C PRO B 106 8.93 2.14 -1.91
N ALA B 107 7.85 1.54 -1.43
CA ALA B 107 7.28 1.97 -0.16
C ALA B 107 7.94 1.07 0.89
N CYS B 108 8.05 1.53 2.13
CA CYS B 108 8.71 0.73 3.15
C CYS B 108 7.85 -0.35 3.78
N LEU B 109 8.47 -1.49 4.07
CA LEU B 109 7.76 -2.56 4.75
C LEU B 109 8.05 -2.31 6.23
N PRO B 110 7.02 -2.29 7.07
CA PRO B 110 7.24 -2.04 8.50
C PRO B 110 7.45 -3.30 9.32
N GLU B 111 7.68 -3.12 10.61
CA GLU B 111 7.83 -4.23 11.53
C GLU B 111 6.41 -4.40 12.08
N ARG B 112 5.94 -5.64 12.15
CA ARG B 112 4.58 -5.93 12.63
C ARG B 112 4.14 -5.23 13.91
N ASP B 113 4.80 -5.53 15.02
CA ASP B 113 4.41 -4.94 16.30
C ASP B 113 4.34 -3.44 16.26
N TRP B 114 5.40 -2.82 15.74
CA TRP B 114 5.45 -1.35 15.64
C TRP B 114 4.38 -0.82 14.66
N ALA B 115 4.20 -1.51 13.55
CA ALA B 115 3.20 -1.11 12.58
C ALA B 115 1.80 -1.11 13.22
N GLU B 116 1.49 -2.19 13.94
CA GLU B 116 0.21 -2.34 14.60
C GLU B 116 -0.02 -1.37 15.74
N SER B 117 1.01 -1.11 16.53
CA SER B 117 0.86 -0.17 17.64
C SER B 117 1.10 1.29 17.28
N THR B 118 1.91 1.54 16.27
CA THR B 118 2.23 2.92 15.89
C THR B 118 1.63 3.43 14.58
N LEU B 119 1.67 2.62 13.53
CA LEU B 119 1.13 3.06 12.25
C LEU B 119 -0.38 2.97 12.19
N MET B 120 -0.91 1.81 12.54
CA MET B 120 -2.34 1.60 12.50
C MET B 120 -3.12 2.35 13.55
N THR B 121 -2.41 3.10 14.38
CA THR B 121 -3.05 3.88 15.42
C THR B 121 -3.11 5.35 15.03
N GLN B 122 -2.50 5.68 13.89
CA GLN B 122 -2.52 7.05 13.41
C GLN B 122 -3.96 7.34 13.03
N LYS B 123 -4.29 8.61 12.85
CA LYS B 123 -5.64 9.00 12.49
C LYS B 123 -5.98 8.56 11.07
N THR B 124 -5.01 8.69 10.16
CA THR B 124 -5.24 8.36 8.76
C THR B 124 -4.16 7.56 8.05
N GLY B 125 -4.47 7.20 6.82
CA GLY B 125 -3.59 6.48 5.93
C GLY B 125 -3.89 7.09 4.57
N ILE B 126 -3.18 6.67 3.53
CA ILE B 126 -3.42 7.22 2.19
C ILE B 126 -3.60 6.07 1.21
N VAL B 127 -4.64 6.14 0.40
CA VAL B 127 -4.92 5.13 -0.62
C VAL B 127 -4.81 5.80 -2.01
N SER B 128 -4.34 5.09 -3.02
CA SER B 128 -4.19 5.71 -4.35
C SER B 128 -4.48 4.73 -5.47
N GLY B 129 -4.69 5.26 -6.68
CA GLY B 129 -4.95 4.39 -7.80
C GLY B 129 -5.58 5.06 -8.97
N PHE B 130 -5.73 4.29 -10.04
CA PHE B 130 -6.33 4.71 -11.31
C PHE B 130 -7.75 4.11 -11.43
N GLY B 131 -8.40 3.86 -10.29
CA GLY B 131 -9.72 3.26 -10.31
C GLY B 131 -10.83 4.21 -10.66
N ARG B 132 -12.06 3.72 -10.56
CA ARG B 132 -13.25 4.52 -10.86
C ARG B 132 -13.31 5.73 -9.94
N THR B 133 -13.89 6.82 -10.45
CA THR B 133 -14.06 8.05 -9.68
C THR B 133 -15.48 8.14 -9.10
N HIS B 134 -16.30 7.15 -9.46
CA HIS B 134 -17.69 7.04 -8.99
C HIS B 134 -17.99 5.55 -9.16
N GLU B 135 -18.84 5.03 -8.28
CA GLU B 135 -19.20 3.61 -8.33
C GLU B 135 -19.55 3.10 -9.73
N LYS B 136 -20.36 3.86 -10.46
CA LYS B 136 -20.77 3.46 -11.79
C LYS B 136 -19.91 4.01 -12.92
N GLY B 137 -19.12 5.02 -12.62
CA GLY B 137 -18.28 5.63 -13.65
C GLY B 137 -17.22 4.72 -14.24
N ARG B 138 -16.27 5.31 -14.95
CA ARG B 138 -15.22 4.51 -15.56
C ARG B 138 -13.85 4.75 -14.93
N GLN B 139 -12.89 3.94 -15.37
CA GLN B 139 -11.50 4.00 -14.92
C GLN B 139 -10.88 5.39 -15.08
N SER B 140 -10.08 5.81 -14.10
CA SER B 140 -9.44 7.11 -14.15
C SER B 140 -8.16 7.08 -14.99
N THR B 141 -7.95 8.13 -15.79
CA THR B 141 -6.75 8.23 -16.62
C THR B 141 -5.61 8.80 -15.80
N ARG B 142 -5.97 9.57 -14.77
CA ARG B 142 -5.03 10.20 -13.86
C ARG B 142 -4.93 9.42 -12.55
N LEU B 143 -3.78 9.53 -11.90
CA LEU B 143 -3.54 8.84 -10.64
C LEU B 143 -4.05 9.70 -9.48
N LYS B 144 -4.85 9.09 -8.61
CA LYS B 144 -5.38 9.80 -7.45
C LYS B 144 -4.98 9.19 -6.11
N MET B 145 -5.06 10.00 -5.07
CA MET B 145 -4.72 9.56 -3.74
C MET B 145 -5.79 10.14 -2.85
N LEU B 146 -6.01 9.52 -1.70
CA LEU B 146 -7.02 9.98 -0.75
C LEU B 146 -6.65 9.56 0.67
N GLU B 147 -6.67 10.52 1.56
CA GLU B 147 -6.40 10.30 2.97
C GLU B 147 -7.65 9.62 3.55
N VAL B 148 -7.48 8.40 4.05
CA VAL B 148 -8.60 7.66 4.62
C VAL B 148 -8.37 7.39 6.11
N PRO B 149 -9.29 7.87 6.97
CA PRO B 149 -9.13 7.64 8.40
C PRO B 149 -9.22 6.17 8.74
N TYR B 150 -8.46 5.74 9.75
CA TYR B 150 -8.53 4.36 10.18
C TYR B 150 -9.91 4.24 10.83
N VAL B 151 -10.61 3.15 10.56
CA VAL B 151 -11.93 2.97 11.12
C VAL B 151 -11.92 1.93 12.22
N ASP B 152 -12.53 2.28 13.34
CA ASP B 152 -12.64 1.41 14.50
C ASP B 152 -13.05 0.00 14.09
N ARG B 153 -12.34 -1.00 14.58
CA ARG B 153 -12.65 -2.38 14.23
C ARG B 153 -14.09 -2.81 14.49
N ASN B 154 -14.64 -2.41 15.64
CA ASN B 154 -16.02 -2.77 15.99
C ASN B 154 -17.01 -2.11 15.05
N SER B 155 -16.85 -0.81 14.85
CA SER B 155 -17.72 -0.08 13.95
C SER B 155 -17.64 -0.73 12.58
N CYS B 156 -16.42 -1.07 12.17
CA CYS B 156 -16.20 -1.71 10.88
C CYS B 156 -17.08 -2.96 10.77
N LYS B 157 -16.98 -3.85 11.76
CA LYS B 157 -17.76 -5.08 11.74
C LYS B 157 -19.27 -4.88 11.75
N LEU B 158 -19.76 -3.94 12.55
CA LEU B 158 -21.20 -3.69 12.59
C LEU B 158 -21.74 -3.17 11.25
N SER B 159 -20.93 -2.39 10.55
CA SER B 159 -21.35 -1.80 9.28
C SER B 159 -21.38 -2.76 8.11
N SER B 160 -20.64 -3.84 8.23
CA SER B 160 -20.52 -4.81 7.16
C SER B 160 -21.56 -5.91 7.03
N SER B 161 -22.02 -6.11 5.80
CA SER B 161 -22.97 -7.16 5.49
C SER B 161 -22.18 -8.46 5.24
N PHE B 162 -20.89 -8.31 5.03
CA PHE B 162 -20.02 -9.46 4.80
C PHE B 162 -19.02 -9.52 5.93
N ILE B 163 -18.49 -10.71 6.21
CA ILE B 163 -17.55 -10.87 7.31
C ILE B 163 -16.22 -10.14 7.16
N ILE B 164 -15.80 -9.51 8.26
CA ILE B 164 -14.53 -8.80 8.32
C ILE B 164 -13.57 -9.72 9.06
N THR B 165 -12.73 -10.41 8.33
CA THR B 165 -11.77 -11.31 8.96
C THR B 165 -10.59 -10.58 9.62
N GLN B 166 -9.74 -11.32 10.30
CA GLN B 166 -8.59 -10.73 10.97
C GLN B 166 -7.54 -10.23 9.96
N ASN B 167 -7.71 -10.67 8.71
CA ASN B 167 -6.80 -10.31 7.62
C ASN B 167 -7.30 -9.07 6.89
N MET B 168 -8.30 -8.40 7.44
CA MET B 168 -8.86 -7.21 6.83
C MET B 168 -9.00 -6.08 7.83
N PHE B 169 -9.13 -4.85 7.33
CA PHE B 169 -9.36 -3.69 8.17
C PHE B 169 -10.14 -2.65 7.37
N CYS B 170 -10.84 -1.78 8.09
CA CYS B 170 -11.65 -0.74 7.45
C CYS B 170 -10.97 0.60 7.45
N ALA B 171 -11.25 1.40 6.42
CA ALA B 171 -10.71 2.76 6.32
C ALA B 171 -11.66 3.53 5.42
N GLY B 172 -11.88 4.79 5.78
CA GLY B 172 -12.77 5.59 4.96
C GLY B 172 -13.68 6.44 5.80
N TYR B 173 -14.83 6.78 5.23
CA TYR B 173 -15.77 7.63 5.91
C TYR B 173 -17.12 6.97 5.96
N ASP B 174 -17.88 7.28 7.00
CA ASP B 174 -19.20 6.73 7.08
C ASP B 174 -20.13 7.41 6.08
N THR B 175 -19.96 8.71 5.87
CA THR B 175 -20.84 9.40 4.95
C THR B 175 -20.18 10.26 3.89
N LYS B 176 -19.02 10.82 4.23
CA LYS B 176 -18.28 11.66 3.31
C LYS B 176 -18.07 10.85 2.05
N GLN B 177 -18.38 11.43 0.89
CA GLN B 177 -18.25 10.72 -0.38
C GLN B 177 -16.81 10.58 -0.91
N GLU B 178 -15.98 9.85 -0.18
CA GLU B 178 -14.59 9.63 -0.54
C GLU B 178 -14.29 8.19 -0.19
N ASP B 179 -13.64 7.47 -1.10
CA ASP B 179 -13.35 6.07 -0.88
C ASP B 179 -12.61 5.54 -2.09
N ALA B 180 -11.97 4.39 -1.96
CA ALA B 180 -11.31 3.78 -3.09
C ALA B 180 -12.49 3.18 -3.87
N CYS B 181 -12.19 2.59 -5.03
CA CYS B 181 -13.25 2.00 -5.84
C CYS B 181 -12.67 0.98 -6.81
N GLN B 182 -13.54 0.32 -7.56
CA GLN B 182 -13.08 -0.67 -8.51
C GLN B 182 -11.92 -0.10 -9.34
N GLY B 183 -10.90 -0.92 -9.54
CA GLY B 183 -9.74 -0.47 -10.29
C GLY B 183 -8.61 -0.11 -9.35
N ASP B 184 -8.96 0.39 -8.17
CA ASP B 184 -7.93 0.75 -7.19
C ASP B 184 -7.47 -0.50 -6.49
N SER B 185 -8.24 -1.56 -6.68
CA SER B 185 -8.00 -2.86 -6.06
C SER B 185 -6.57 -3.37 -6.23
N GLY B 186 -6.00 -3.87 -5.13
CA GLY B 186 -4.63 -4.37 -5.16
C GLY B 186 -3.62 -3.24 -4.98
N GLY B 187 -4.10 -2.01 -5.07
CA GLY B 187 -3.23 -0.84 -4.91
C GLY B 187 -2.78 -0.62 -3.49
N PRO B 188 -2.03 0.46 -3.24
CA PRO B 188 -1.48 0.82 -1.94
C PRO B 188 -2.33 1.57 -0.92
N HIS B 189 -2.15 1.20 0.34
CA HIS B 189 -2.72 1.90 1.47
C HIS B 189 -1.42 2.09 2.22
N VAL B 190 -1.00 3.34 2.41
CA VAL B 190 0.25 3.57 3.12
C VAL B 190 -0.01 4.51 4.28
N THR B 191 0.83 4.41 5.30
CA THR B 191 0.70 5.28 6.47
C THR B 191 2.00 6.07 6.66
N ARG B 192 1.89 7.38 6.65
CA ARG B 192 3.02 8.25 6.83
C ARG B 192 3.42 8.35 8.29
N PHE B 193 4.72 8.34 8.54
CA PHE B 193 5.23 8.51 9.89
C PHE B 193 6.58 9.20 9.79
N LYS B 194 6.61 10.48 10.17
CA LYS B 194 7.85 11.25 10.09
C LYS B 194 8.38 11.34 8.65
N ASP B 195 7.49 11.68 7.72
CA ASP B 195 7.85 11.84 6.30
C ASP B 195 8.29 10.57 5.58
N THR B 196 8.01 9.42 6.18
CA THR B 196 8.36 8.14 5.59
C THR B 196 7.09 7.30 5.55
N TYR B 197 6.76 6.85 4.34
CA TYR B 197 5.57 6.08 4.09
C TYR B 197 5.79 4.57 4.15
N PHE B 198 5.01 3.90 4.99
CA PHE B 198 5.10 2.46 5.15
C PHE B 198 3.82 1.84 4.62
N VAL B 199 3.95 0.71 3.92
CA VAL B 199 2.79 -0.01 3.36
C VAL B 199 1.95 -0.56 4.53
N THR B 200 0.66 -0.25 4.57
CA THR B 200 -0.17 -0.76 5.65
C THR B 200 -1.36 -1.59 5.15
N GLY B 201 -1.64 -1.52 3.85
CA GLY B 201 -2.75 -2.29 3.33
C GLY B 201 -2.76 -2.37 1.83
N ILE B 202 -3.66 -3.20 1.32
CA ILE B 202 -3.86 -3.44 -0.11
C ILE B 202 -5.37 -3.25 -0.34
N VAL B 203 -5.74 -2.41 -1.30
CA VAL B 203 -7.16 -2.20 -1.59
C VAL B 203 -7.80 -3.55 -1.89
N SER B 204 -8.73 -3.98 -1.05
CA SER B 204 -9.38 -5.27 -1.26
C SER B 204 -10.77 -5.23 -1.88
N TRP B 205 -11.76 -4.74 -1.14
CA TRP B 205 -13.14 -4.70 -1.62
C TRP B 205 -13.94 -3.66 -0.84
N GLY B 206 -15.23 -3.63 -1.09
CA GLY B 206 -16.10 -2.71 -0.40
C GLY B 206 -17.50 -2.93 -0.93
N GLU B 207 -18.50 -2.41 -0.22
CA GLU B 207 -19.89 -2.53 -0.68
C GLU B 207 -20.18 -1.23 -1.41
N GLY B 208 -20.06 -1.27 -2.73
CA GLY B 208 -20.25 -0.07 -3.53
C GLY B 208 -19.01 0.79 -3.34
N CYS B 209 -19.13 2.08 -3.59
CA CYS B 209 -18.00 2.98 -3.43
C CYS B 209 -18.48 4.27 -2.78
N ALA B 210 -17.89 4.61 -1.63
CA ALA B 210 -18.27 5.81 -0.89
C ALA B 210 -19.75 5.73 -0.45
N ARG B 211 -20.28 4.52 -0.32
CA ARG B 211 -21.66 4.32 0.09
C ARG B 211 -21.79 4.68 1.55
N LYS B 212 -22.86 5.40 1.89
CA LYS B 212 -23.09 5.81 3.27
C LYS B 212 -23.31 4.60 4.20
N GLY B 213 -22.59 4.60 5.32
CA GLY B 213 -22.69 3.52 6.27
C GLY B 213 -21.75 2.39 5.93
N LYS B 214 -20.93 2.58 4.92
CA LYS B 214 -19.98 1.56 4.50
C LYS B 214 -18.60 2.17 4.44
N TYR B 215 -17.57 1.33 4.53
CA TYR B 215 -16.18 1.79 4.49
C TYR B 215 -15.42 0.97 3.47
N GLY B 216 -14.18 1.36 3.20
CA GLY B 216 -13.35 0.61 2.28
C GLY B 216 -12.71 -0.49 3.09
N ILE B 217 -12.60 -1.68 2.52
CA ILE B 217 -12.00 -2.82 3.21
C ILE B 217 -10.63 -3.10 2.60
N TYR B 218 -9.62 -3.23 3.44
CA TYR B 218 -8.25 -3.45 3.00
C TYR B 218 -7.66 -4.71 3.58
N THR B 219 -6.70 -5.29 2.86
CA THR B 219 -5.99 -6.47 3.36
C THR B 219 -5.00 -5.99 4.44
N LYS B 220 -5.02 -6.64 5.59
CA LYS B 220 -4.15 -6.28 6.70
C LYS B 220 -2.73 -6.72 6.41
N VAL B 221 -1.92 -5.81 5.91
CA VAL B 221 -0.54 -6.11 5.57
C VAL B 221 0.30 -6.67 6.73
N THR B 222 0.14 -6.11 7.92
CA THR B 222 0.90 -6.58 9.09
C THR B 222 0.71 -8.08 9.36
N ALA B 223 -0.46 -8.60 8.99
CA ALA B 223 -0.78 -10.01 9.17
C ALA B 223 -0.01 -10.92 8.21
N PHE B 224 0.58 -10.34 7.16
CA PHE B 224 1.32 -11.12 6.18
C PHE B 224 2.79 -10.73 6.05
N LEU B 225 3.31 -9.96 6.99
CA LEU B 225 4.71 -9.54 6.91
C LEU B 225 5.70 -10.69 6.74
N LYS B 226 5.56 -11.75 7.54
CA LYS B 226 6.47 -12.90 7.41
C LYS B 226 6.29 -13.52 6.03
N TRP B 227 5.04 -13.74 5.65
CA TRP B 227 4.70 -14.32 4.35
C TRP B 227 5.38 -13.50 3.24
N ILE B 228 5.23 -12.18 3.32
CA ILE B 228 5.82 -11.27 2.34
C ILE B 228 7.33 -11.46 2.35
N ASP B 229 7.91 -11.57 3.54
CA ASP B 229 9.35 -11.76 3.66
C ASP B 229 9.78 -13.09 3.02
N ARG B 230 8.98 -14.13 3.22
CA ARG B 230 9.28 -15.44 2.64
C ARG B 230 9.18 -15.39 1.13
N SER B 231 8.19 -14.67 0.63
CA SER B 231 7.96 -14.53 -0.79
C SER B 231 9.10 -13.80 -1.50
N MET B 232 9.52 -12.67 -0.95
CA MET B 232 10.60 -11.89 -1.54
C MET B 232 11.92 -12.64 -1.46
N LYS B 233 12.10 -13.37 -0.37
CA LYS B 233 13.30 -14.16 -0.17
C LYS B 233 13.34 -15.31 -1.18
N THR B 234 12.19 -15.59 -1.80
CA THR B 234 12.09 -16.66 -2.78
C THR B 234 10.85 -16.54 -3.69
#